data_1SQD
#
_entry.id   1SQD
#
_cell.length_a   77.400
_cell.length_b   83.600
_cell.length_c   63.500
_cell.angle_alpha   90.00
_cell.angle_beta   102.50
_cell.angle_gamma   90.00
#
_symmetry.space_group_name_H-M   'C 1 2 1'
#
loop_
_entity.id
_entity.type
_entity.pdbx_description
1 polymer '4-hydroxyphenylpyruvate dioxygenase'
2 non-polymer 'FE (III) ION'
3 water water
#
_entity_poly.entity_id   1
_entity_poly.type   'polypeptide(L)'
_entity_poly.pdbx_seq_one_letter_code
;MGFKLVGFSKFVRKNPKSDKFKVKRFHHIEFWCGDATNVARRFSWGLGMRFSAKSDLSTGNMVHASYLLTSGDLRFLFTA
PYSPSLSAGEIKPTTTASIPSFDHGSCRSFFSSHGLGVRAVAIEVEDAESAFSISVANGAIPSSPPIVLNEAVTIAEVKL
YGDVVLRYVSYKAEDTEKSEFLPGFERVEDASSFPLDYGIRRLDHAVGNVPELGPALTYVAGFTGFHQFAEFTADDVGTA
ESGLNSAVLASNDEMVLLPINEPVHGTKRKSQIQTYLEHNEGAGLQHLALMSEDIFRTLREMRKRSSIGGFDFMPSPPPT
YYQNLKKRVGDVLSDDQIKECEELGILVDRDDQGTLLQIFTKPLGDRPTIFIEIIQRVGCMMKDEEGKAYQSGGCGGFGK
GNFSELFKSIEEYEKTLEAKQLVG
;
_entity_poly.pdbx_strand_id   A
#
loop_
_chem_comp.id
_chem_comp.type
_chem_comp.name
_chem_comp.formula
FE non-polymer 'FE (III) ION' 'Fe 3'
#
# COMPACT_ATOMS: atom_id res chain seq x y z
N LYS A 14 22.02 9.76 4.52
CA LYS A 14 22.71 9.08 3.38
C LYS A 14 22.20 7.66 3.22
N ASN A 15 22.99 6.75 2.65
CA ASN A 15 22.47 5.42 2.37
C ASN A 15 23.50 4.31 2.57
N PRO A 16 23.45 3.74 3.78
CA PRO A 16 24.33 2.66 4.21
C PRO A 16 24.15 1.34 3.50
N LYS A 17 23.08 1.12 2.75
CA LYS A 17 22.81 -0.12 2.05
C LYS A 17 22.99 -1.32 2.97
N SER A 18 22.27 -1.26 4.09
CA SER A 18 22.38 -2.20 5.17
C SER A 18 21.38 -3.35 5.14
N ASP A 19 20.59 -3.53 4.08
CA ASP A 19 19.60 -4.60 4.12
C ASP A 19 20.23 -5.91 4.58
N LYS A 20 19.49 -6.63 5.41
CA LYS A 20 19.98 -7.91 5.91
C LYS A 20 19.73 -9.05 4.93
N PHE A 21 18.86 -8.87 3.93
CA PHE A 21 18.67 -9.85 2.85
C PHE A 21 18.30 -9.11 1.57
N LYS A 22 18.32 -9.82 0.44
CA LYS A 22 18.09 -9.14 -0.83
C LYS A 22 16.61 -8.94 -1.10
N VAL A 23 16.21 -7.69 -1.22
CA VAL A 23 14.81 -7.35 -1.47
C VAL A 23 14.68 -6.77 -2.87
N LYS A 24 13.62 -7.15 -3.58
CA LYS A 24 13.48 -6.60 -4.94
C LYS A 24 12.52 -5.43 -4.90
N ARG A 25 11.24 -5.67 -5.09
CA ARG A 25 10.27 -4.58 -5.18
C ARG A 25 9.01 -4.94 -4.39
N PHE A 26 8.19 -3.93 -4.10
CA PHE A 26 6.82 -4.27 -3.66
C PHE A 26 6.22 -5.26 -4.66
N HIS A 27 5.45 -6.21 -4.15
CA HIS A 27 4.88 -7.26 -4.99
C HIS A 27 3.35 -7.18 -4.98
N HIS A 28 2.79 -6.95 -3.79
CA HIS A 28 1.33 -6.90 -3.68
C HIS A 28 0.88 -6.43 -2.31
N ILE A 29 -0.35 -5.94 -2.26
CA ILE A 29 -1.03 -5.54 -1.03
C ILE A 29 -2.28 -6.40 -0.89
N GLU A 30 -2.45 -7.05 0.25
CA GLU A 30 -3.62 -7.86 0.50
C GLU A 30 -4.55 -7.21 1.52
N PHE A 31 -5.79 -7.04 1.08
CA PHE A 31 -6.87 -6.54 1.92
C PHE A 31 -7.66 -7.72 2.49
N TRP A 32 -7.93 -7.64 3.79
CA TRP A 32 -8.84 -8.58 4.44
C TRP A 32 -10.20 -7.93 4.54
N CYS A 33 -11.21 -8.54 3.93
CA CYS A 33 -12.51 -7.92 3.83
C CYS A 33 -13.60 -8.84 4.40
N GLY A 34 -14.81 -8.30 4.47
CA GLY A 34 -15.97 -9.10 4.83
C GLY A 34 -16.47 -9.87 3.61
N ASP A 35 -16.67 -9.15 2.52
CA ASP A 35 -17.04 -9.72 1.23
C ASP A 35 -16.00 -9.30 0.20
N ALA A 36 -15.18 -10.22 -0.30
CA ALA A 36 -14.09 -9.84 -1.20
C ALA A 36 -14.62 -9.31 -2.52
N THR A 37 -15.67 -9.97 -3.02
CA THR A 37 -16.30 -9.66 -4.28
C THR A 37 -16.69 -8.20 -4.42
N ASN A 38 -17.44 -7.67 -3.47
CA ASN A 38 -17.92 -6.30 -3.52
C ASN A 38 -16.83 -5.26 -3.40
N VAL A 39 -15.84 -5.50 -2.54
CA VAL A 39 -14.72 -4.56 -2.41
C VAL A 39 -13.88 -4.56 -3.68
N ALA A 40 -13.60 -5.76 -4.20
CA ALA A 40 -12.81 -5.87 -5.42
C ALA A 40 -13.48 -5.16 -6.59
N ARG A 41 -14.79 -5.36 -6.74
CA ARG A 41 -15.49 -4.72 -7.84
C ARG A 41 -15.55 -3.21 -7.69
N ARG A 42 -15.76 -2.69 -6.47
CA ARG A 42 -15.74 -1.25 -6.23
C ARG A 42 -14.36 -0.67 -6.53
N PHE A 43 -13.31 -1.33 -6.05
CA PHE A 43 -11.94 -0.87 -6.27
C PHE A 43 -11.55 -0.90 -7.74
N SER A 44 -11.94 -1.97 -8.44
CA SER A 44 -11.63 -2.10 -9.86
C SER A 44 -12.12 -0.88 -10.64
N TRP A 45 -13.39 -0.57 -10.47
CA TRP A 45 -14.05 0.55 -11.12
C TRP A 45 -13.49 1.89 -10.67
N GLY A 46 -13.31 2.08 -9.36
CA GLY A 46 -12.89 3.37 -8.83
C GLY A 46 -11.43 3.71 -9.13
N LEU A 47 -10.58 2.72 -9.28
CA LEU A 47 -9.14 2.96 -9.42
C LEU A 47 -8.61 2.57 -10.80
N GLY A 48 -9.46 1.91 -11.57
CA GLY A 48 -9.15 1.50 -12.92
C GLY A 48 -8.19 0.33 -12.97
N MET A 49 -8.40 -0.66 -12.12
CA MET A 49 -7.54 -1.85 -12.10
C MET A 49 -8.27 -3.04 -12.72
N ARG A 50 -7.52 -3.90 -13.38
CA ARG A 50 -8.10 -5.01 -14.12
C ARG A 50 -8.29 -6.25 -13.26
N PHE A 51 -9.42 -6.93 -13.39
CA PHE A 51 -9.61 -8.20 -12.69
C PHE A 51 -8.78 -9.29 -13.38
N SER A 52 -7.67 -9.68 -12.75
CA SER A 52 -6.72 -10.53 -13.43
C SER A 52 -6.52 -11.93 -12.88
N ALA A 53 -6.80 -12.23 -11.61
CA ALA A 53 -6.66 -13.63 -11.17
C ALA A 53 -7.59 -13.92 -10.01
N LYS A 54 -7.90 -15.20 -9.79
CA LYS A 54 -8.78 -15.55 -8.69
C LYS A 54 -8.47 -16.90 -8.08
N SER A 55 -8.83 -17.01 -6.81
CA SER A 55 -8.76 -18.24 -6.04
C SER A 55 -10.02 -18.30 -5.17
N ASP A 56 -10.91 -19.23 -5.50
CA ASP A 56 -12.21 -19.25 -4.80
C ASP A 56 -12.89 -20.58 -5.01
N LEU A 57 -14.19 -20.67 -4.73
CA LEU A 57 -14.90 -21.93 -4.92
C LEU A 57 -14.75 -22.49 -6.33
N SER A 58 -14.77 -21.65 -7.35
CA SER A 58 -14.70 -22.11 -8.73
C SER A 58 -13.36 -22.72 -9.10
N THR A 59 -12.31 -22.43 -8.36
CA THR A 59 -10.98 -22.98 -8.58
C THR A 59 -10.66 -24.08 -7.58
N GLY A 60 -11.67 -24.43 -6.78
CA GLY A 60 -11.56 -25.51 -5.82
C GLY A 60 -11.08 -25.05 -4.44
N ASN A 61 -11.03 -23.76 -4.18
CA ASN A 61 -10.65 -23.25 -2.86
C ASN A 61 -11.89 -23.19 -1.97
N MET A 62 -11.94 -24.06 -0.97
CA MET A 62 -13.09 -24.18 -0.09
C MET A 62 -12.94 -23.37 1.19
N VAL A 63 -11.81 -22.66 1.32
CA VAL A 63 -11.44 -21.94 2.52
C VAL A 63 -11.59 -20.42 2.42
N HIS A 64 -11.07 -19.83 1.36
CA HIS A 64 -11.16 -18.38 1.20
C HIS A 64 -11.42 -17.98 -0.25
N ALA A 65 -12.04 -16.81 -0.39
CA ALA A 65 -12.26 -16.18 -1.69
C ALA A 65 -11.25 -15.06 -1.88
N SER A 66 -10.46 -15.16 -2.94
CA SER A 66 -9.39 -14.20 -3.22
C SER A 66 -9.39 -13.71 -4.66
N TYR A 67 -9.50 -12.39 -4.80
CA TYR A 67 -9.55 -11.73 -6.09
C TYR A 67 -8.43 -10.71 -6.27
N LEU A 68 -7.75 -10.85 -7.40
CA LEU A 68 -6.59 -10.03 -7.71
C LEU A 68 -6.91 -9.00 -8.79
N LEU A 69 -6.64 -7.74 -8.47
CA LEU A 69 -6.72 -6.65 -9.43
C LEU A 69 -5.32 -6.14 -9.75
N THR A 70 -5.06 -5.81 -11.02
CA THR A 70 -3.75 -5.30 -11.37
C THR A 70 -3.85 -4.05 -12.25
N SER A 71 -2.94 -3.12 -12.06
CA SER A 71 -2.76 -1.97 -12.94
C SER A 71 -1.26 -1.72 -13.11
N GLY A 72 -0.74 -2.04 -14.29
CA GLY A 72 0.73 -2.00 -14.46
C GLY A 72 1.34 -3.08 -13.57
N ASP A 73 2.22 -2.69 -12.65
CA ASP A 73 2.82 -3.67 -11.74
C ASP A 73 2.15 -3.66 -10.38
N LEU A 74 1.24 -2.71 -10.18
CA LEU A 74 0.48 -2.66 -8.93
C LEU A 74 -0.45 -3.85 -8.83
N ARG A 75 -0.41 -4.53 -7.69
CA ARG A 75 -1.26 -5.69 -7.46
C ARG A 75 -2.04 -5.54 -6.16
N PHE A 76 -3.36 -5.55 -6.27
CA PHE A 76 -4.23 -5.50 -5.10
C PHE A 76 -5.01 -6.80 -4.98
N LEU A 77 -4.92 -7.43 -3.81
CA LEU A 77 -5.58 -8.71 -3.54
C LEU A 77 -6.64 -8.54 -2.46
N PHE A 78 -7.85 -9.04 -2.74
CA PHE A 78 -8.97 -8.91 -1.81
C PHE A 78 -9.42 -10.29 -1.34
N THR A 79 -9.38 -10.55 -0.04
CA THR A 79 -9.62 -11.89 0.48
C THR A 79 -10.68 -11.90 1.58
N ALA A 80 -11.56 -12.89 1.58
CA ALA A 80 -12.55 -13.05 2.65
C ALA A 80 -12.73 -14.53 2.94
N PRO A 81 -13.12 -14.89 4.16
CA PRO A 81 -13.25 -16.29 4.52
C PRO A 81 -14.61 -16.86 4.15
N TYR A 82 -14.66 -18.10 3.67
CA TYR A 82 -15.96 -18.75 3.51
C TYR A 82 -16.41 -19.29 4.87
N SER A 83 -17.57 -19.94 4.90
CA SER A 83 -17.96 -20.62 6.15
C SER A 83 -16.92 -21.69 6.45
N PRO A 84 -16.44 -21.73 7.69
CA PRO A 84 -15.53 -22.76 8.14
C PRO A 84 -16.03 -24.16 7.83
N SER A 85 -17.34 -24.35 7.82
CA SER A 85 -17.98 -25.62 7.55
C SER A 85 -17.62 -26.25 6.20
N LEU A 86 -17.27 -25.48 5.18
CA LEU A 86 -16.90 -26.06 3.90
C LEU A 86 -15.57 -26.80 3.92
N SER A 87 -14.69 -26.44 4.84
CA SER A 87 -13.36 -27.03 4.89
C SER A 87 -13.06 -27.64 6.24
N ALA A 88 -14.08 -27.86 7.06
CA ALA A 88 -13.90 -28.32 8.43
C ALA A 88 -13.15 -29.65 8.51
N GLY A 89 -13.25 -30.47 7.47
CA GLY A 89 -12.53 -31.70 7.36
C GLY A 89 -11.12 -31.58 6.82
N GLU A 90 -10.65 -30.39 6.43
CA GLU A 90 -9.28 -30.26 5.94
C GLU A 90 -8.31 -30.07 7.10
N ILE A 91 -7.05 -30.44 6.93
CA ILE A 91 -6.01 -30.04 7.89
C ILE A 91 -4.96 -29.26 7.12
N LYS A 92 -3.97 -28.63 7.76
CA LYS A 92 -3.00 -27.86 6.97
C LYS A 92 -2.43 -28.65 5.82
N PRO A 93 -2.01 -29.90 6.02
CA PRO A 93 -1.46 -30.72 4.95
C PRO A 93 -2.39 -31.07 3.80
N THR A 94 -3.69 -30.92 3.95
CA THR A 94 -4.67 -31.26 2.93
C THR A 94 -5.48 -30.05 2.49
N THR A 95 -5.02 -28.85 2.83
CA THR A 95 -5.81 -27.65 2.64
C THR A 95 -6.09 -27.31 1.19
N THR A 96 -7.26 -26.71 0.95
CA THR A 96 -7.59 -26.23 -0.38
C THR A 96 -7.34 -24.73 -0.50
N ALA A 97 -6.87 -24.11 0.58
CA ALA A 97 -6.49 -22.70 0.52
C ALA A 97 -5.28 -22.51 -0.39
N SER A 98 -5.24 -21.40 -1.12
CA SER A 98 -4.11 -21.13 -1.99
C SER A 98 -3.07 -20.27 -1.28
N ILE A 99 -3.48 -19.60 -0.21
CA ILE A 99 -2.55 -18.86 0.65
C ILE A 99 -2.48 -19.58 1.99
N PRO A 100 -1.47 -20.42 2.17
CA PRO A 100 -1.31 -21.23 3.36
C PRO A 100 -1.38 -20.49 4.68
N SER A 101 -0.98 -19.22 4.74
CA SER A 101 -1.03 -18.45 5.96
C SER A 101 -2.44 -18.04 6.38
N PHE A 102 -3.43 -18.20 5.50
CA PHE A 102 -4.78 -17.81 5.81
C PHE A 102 -5.34 -18.60 7.00
N ASP A 103 -6.05 -17.89 7.85
CA ASP A 103 -6.76 -18.50 8.98
C ASP A 103 -8.13 -17.84 9.13
N HIS A 104 -9.20 -18.62 9.13
CA HIS A 104 -10.55 -18.06 9.24
C HIS A 104 -10.66 -17.15 10.47
N GLY A 105 -10.22 -17.68 11.59
CA GLY A 105 -10.24 -17.02 12.87
C GLY A 105 -9.47 -15.71 12.91
N SER A 106 -8.22 -15.69 12.46
CA SER A 106 -7.45 -14.46 12.40
C SER A 106 -8.12 -13.44 11.48
N CYS A 107 -8.61 -13.93 10.35
CA CYS A 107 -9.25 -13.06 9.36
C CYS A 107 -10.50 -12.40 9.93
N ARG A 108 -11.37 -13.21 10.54
CA ARG A 108 -12.58 -12.66 11.12
C ARG A 108 -12.25 -11.71 12.27
N SER A 109 -11.28 -12.09 13.09
CA SER A 109 -10.80 -11.28 14.18
C SER A 109 -10.22 -9.94 13.74
N PHE A 110 -9.38 -9.97 12.71
CA PHE A 110 -8.80 -8.74 12.15
C PHE A 110 -9.93 -7.81 11.69
N PHE A 111 -10.82 -8.40 10.90
CA PHE A 111 -11.90 -7.64 10.30
C PHE A 111 -12.88 -7.08 11.33
N SER A 112 -13.26 -7.87 12.32
CA SER A 112 -14.10 -7.37 13.41
C SER A 112 -13.43 -6.20 14.13
N SER A 113 -12.15 -6.37 14.43
CA SER A 113 -11.42 -5.37 15.20
C SER A 113 -11.17 -4.09 14.40
N HIS A 114 -10.70 -4.22 13.16
CA HIS A 114 -10.19 -3.07 12.43
C HIS A 114 -11.08 -2.61 11.28
N GLY A 115 -12.02 -3.45 10.85
CA GLY A 115 -12.78 -3.12 9.64
C GLY A 115 -11.88 -3.33 8.43
N LEU A 116 -12.37 -2.93 7.26
CA LEU A 116 -11.67 -3.15 6.01
C LEU A 116 -10.27 -2.51 6.03
N GLY A 117 -9.26 -3.28 5.68
CA GLY A 117 -7.90 -2.73 5.73
C GLY A 117 -6.87 -3.71 5.20
N VAL A 118 -5.61 -3.28 5.23
CA VAL A 118 -4.52 -4.09 4.73
C VAL A 118 -4.02 -5.10 5.75
N ARG A 119 -4.03 -6.38 5.37
CA ARG A 119 -3.44 -7.41 6.21
C ARG A 119 -1.96 -7.59 5.88
N ALA A 120 -1.62 -7.56 4.59
CA ALA A 120 -0.25 -7.87 4.21
C ALA A 120 0.35 -6.86 3.24
N VAL A 121 1.52 -6.36 3.62
CA VAL A 121 2.38 -5.62 2.68
C VAL A 121 3.40 -6.64 2.15
N ALA A 122 3.29 -6.97 0.87
CA ALA A 122 4.08 -8.06 0.31
C ALA A 122 5.23 -7.56 -0.54
N ILE A 123 6.43 -8.04 -0.21
CA ILE A 123 7.61 -7.67 -0.99
C ILE A 123 8.26 -8.89 -1.64
N GLU A 124 8.71 -8.71 -2.88
CA GLU A 124 9.43 -9.78 -3.56
C GLU A 124 10.89 -9.74 -3.10
N VAL A 125 11.36 -10.91 -2.70
CA VAL A 125 12.74 -11.05 -2.27
C VAL A 125 13.37 -12.19 -3.06
N GLU A 126 14.68 -12.33 -2.93
CA GLU A 126 15.43 -13.36 -3.65
C GLU A 126 15.10 -14.75 -3.13
N ASP A 127 15.03 -14.84 -1.81
CA ASP A 127 14.81 -16.11 -1.11
C ASP A 127 13.96 -15.85 0.13
N ALA A 128 12.69 -16.24 0.06
CA ALA A 128 11.75 -15.95 1.12
C ALA A 128 12.07 -16.74 2.39
N GLU A 129 12.55 -17.97 2.21
CA GLU A 129 12.97 -18.77 3.35
C GLU A 129 14.14 -18.09 4.06
N SER A 130 15.11 -17.64 3.28
CA SER A 130 16.25 -16.92 3.82
C SER A 130 15.83 -15.61 4.49
N ALA A 131 14.94 -14.83 3.88
CA ALA A 131 14.54 -13.56 4.48
C ALA A 131 13.81 -13.77 5.81
N PHE A 132 12.98 -14.80 5.86
CA PHE A 132 12.28 -15.15 7.09
C PHE A 132 13.27 -15.55 8.17
N SER A 133 14.16 -16.48 7.86
CA SER A 133 15.15 -16.94 8.83
C SER A 133 15.94 -15.77 9.41
N ILE A 134 16.52 -14.94 8.54
CA ILE A 134 17.34 -13.81 8.97
C ILE A 134 16.52 -12.76 9.71
N SER A 135 15.29 -12.51 9.27
CA SER A 135 14.44 -11.56 9.98
C SER A 135 14.20 -12.00 11.41
N VAL A 136 13.77 -13.25 11.60
CA VAL A 136 13.45 -13.75 12.93
C VAL A 136 14.69 -13.79 13.82
N ALA A 137 15.80 -14.23 13.24
CA ALA A 137 17.10 -14.21 13.92
C ALA A 137 17.43 -12.79 14.39
N ASN A 138 17.02 -11.80 13.61
CA ASN A 138 17.23 -10.41 13.95
C ASN A 138 16.03 -9.73 14.59
N GLY A 139 15.20 -10.48 15.31
CA GLY A 139 14.17 -9.89 16.14
C GLY A 139 12.79 -9.84 15.55
N ALA A 140 12.58 -10.31 14.32
CA ALA A 140 11.22 -10.23 13.76
C ALA A 140 10.30 -11.23 14.48
N ILE A 141 9.06 -10.80 14.74
CA ILE A 141 8.08 -11.74 15.29
C ILE A 141 7.47 -12.54 14.15
N PRO A 142 7.70 -13.85 14.16
CA PRO A 142 7.17 -14.72 13.13
C PRO A 142 5.65 -14.74 13.13
N SER A 143 5.10 -14.76 11.92
CA SER A 143 3.65 -14.82 11.73
C SER A 143 3.25 -16.10 11.00
N SER A 144 3.90 -16.40 9.89
CA SER A 144 3.70 -17.67 9.19
C SER A 144 5.01 -18.08 8.54
N PRO A 145 5.42 -19.33 8.76
CA PRO A 145 6.71 -19.83 8.29
C PRO A 145 6.75 -20.02 6.79
N PRO A 146 7.96 -20.08 6.24
CA PRO A 146 8.14 -20.30 4.81
C PRO A 146 7.46 -21.58 4.35
N ILE A 147 6.62 -21.47 3.33
CA ILE A 147 5.98 -22.62 2.70
C ILE A 147 6.21 -22.55 1.19
N VAL A 148 6.57 -23.66 0.59
CA VAL A 148 6.78 -23.74 -0.85
C VAL A 148 5.51 -24.21 -1.54
N LEU A 149 4.99 -23.38 -2.45
CA LEU A 149 3.76 -23.70 -3.18
C LEU A 149 4.07 -24.26 -4.56
N ASN A 150 3.55 -25.44 -4.86
CA ASN A 150 3.73 -26.13 -6.12
C ASN A 150 5.16 -26.11 -6.63
N GLU A 151 6.11 -26.33 -5.72
CA GLU A 151 7.53 -26.29 -5.96
C GLU A 151 7.99 -25.09 -6.77
N ALA A 152 7.34 -23.94 -6.61
CA ALA A 152 7.58 -22.84 -7.55
C ALA A 152 7.70 -21.51 -6.81
N VAL A 153 6.94 -21.34 -5.74
CA VAL A 153 6.94 -20.05 -5.04
C VAL A 153 7.07 -20.25 -3.53
N THR A 154 7.83 -19.36 -2.89
CA THR A 154 7.97 -19.44 -1.44
C THR A 154 7.39 -18.20 -0.78
N ILE A 155 6.54 -18.42 0.21
CA ILE A 155 5.87 -17.35 0.95
C ILE A 155 6.10 -17.52 2.45
N ALA A 156 6.36 -16.39 3.11
CA ALA A 156 6.57 -16.32 4.55
C ALA A 156 6.15 -14.96 5.08
N GLU A 157 5.79 -14.88 6.36
CA GLU A 157 5.28 -13.65 6.95
C GLU A 157 5.81 -13.38 8.35
N VAL A 158 6.15 -12.12 8.61
CA VAL A 158 6.52 -11.67 9.95
C VAL A 158 5.63 -10.49 10.34
N LYS A 159 5.47 -10.22 11.63
CA LYS A 159 4.69 -9.05 12.04
C LYS A 159 5.41 -7.75 11.66
N LEU A 160 4.64 -6.79 11.15
CA LEU A 160 5.18 -5.48 10.81
C LEU A 160 4.82 -4.47 11.88
N TYR A 161 3.54 -4.17 12.03
CA TYR A 161 2.99 -3.33 13.08
C TYR A 161 1.50 -3.66 13.24
N GLY A 162 0.93 -3.54 14.42
CA GLY A 162 -0.46 -3.93 14.62
C GLY A 162 -0.69 -5.37 14.16
N ASP A 163 -1.74 -5.62 13.39
CA ASP A 163 -2.03 -6.95 12.86
C ASP A 163 -1.70 -7.03 11.37
N VAL A 164 -0.87 -6.09 10.93
CA VAL A 164 -0.32 -6.09 9.58
C VAL A 164 0.98 -6.90 9.55
N VAL A 165 1.09 -7.72 8.52
CA VAL A 165 2.29 -8.52 8.34
C VAL A 165 3.10 -8.03 7.14
N LEU A 166 4.41 -8.20 7.26
CA LEU A 166 5.28 -8.07 6.09
C LEU A 166 5.41 -9.45 5.46
N ARG A 167 4.96 -9.59 4.22
CA ARG A 167 4.99 -10.89 3.56
C ARG A 167 6.15 -10.97 2.57
N TYR A 168 6.93 -12.04 2.66
CA TYR A 168 8.01 -12.27 1.72
C TYR A 168 7.61 -13.28 0.64
N VAL A 169 7.87 -12.93 -0.61
CA VAL A 169 7.57 -13.79 -1.74
C VAL A 169 8.82 -14.01 -2.60
N SER A 170 9.11 -15.26 -2.93
CA SER A 170 10.23 -15.55 -3.84
C SER A 170 9.85 -16.61 -4.85
N TYR A 171 10.32 -16.45 -6.08
CA TYR A 171 9.94 -17.31 -7.19
C TYR A 171 11.14 -18.12 -7.68
N LYS A 172 11.02 -19.43 -7.89
CA LYS A 172 12.16 -20.13 -8.50
C LYS A 172 12.49 -19.48 -9.84
N ALA A 173 11.57 -19.66 -10.78
CA ALA A 173 11.71 -19.15 -12.13
C ALA A 173 10.91 -17.87 -12.34
N GLU A 180 1.77 -14.12 -13.45
CA GLU A 180 1.92 -13.47 -12.18
C GLU A 180 1.73 -14.49 -11.04
N PHE A 181 0.46 -14.69 -10.63
CA PHE A 181 0.37 -14.40 -9.18
C PHE A 181 0.94 -15.45 -8.27
N LEU A 182 0.11 -16.36 -7.81
CA LEU A 182 0.53 -17.49 -6.98
C LEU A 182 -0.01 -18.74 -7.63
N PRO A 183 0.55 -19.89 -7.27
CA PRO A 183 -0.06 -21.13 -7.70
C PRO A 183 -1.37 -21.39 -6.98
N GLY A 184 -2.34 -21.89 -7.74
CA GLY A 184 -3.67 -22.16 -7.22
C GLY A 184 -4.63 -21.06 -7.68
N PHE A 185 -4.06 -19.92 -8.08
CA PHE A 185 -4.82 -18.83 -8.65
C PHE A 185 -5.02 -19.10 -10.14
N GLU A 186 -6.22 -18.83 -10.65
CA GLU A 186 -6.48 -19.04 -12.07
C GLU A 186 -6.49 -17.70 -12.80
N ARG A 187 -6.04 -17.69 -14.05
CA ARG A 187 -6.03 -16.41 -14.75
C ARG A 187 -7.46 -16.06 -15.18
N VAL A 188 -7.83 -14.79 -15.15
CA VAL A 188 -9.20 -14.48 -15.54
C VAL A 188 -9.33 -14.32 -17.04
N GLU A 189 -10.14 -15.21 -17.61
CA GLU A 189 -10.64 -15.14 -18.96
C GLU A 189 -11.05 -13.72 -19.39
N ASP A 190 -10.68 -13.33 -20.60
CA ASP A 190 -10.91 -12.01 -21.11
C ASP A 190 -12.32 -11.45 -21.05
N ALA A 191 -13.38 -12.23 -21.21
CA ALA A 191 -14.74 -11.67 -21.16
C ALA A 191 -15.02 -10.99 -19.82
N SER A 192 -14.62 -11.64 -18.73
CA SER A 192 -14.79 -11.12 -17.39
C SER A 192 -13.68 -10.15 -17.01
N SER A 193 -12.58 -10.17 -17.76
CA SER A 193 -11.46 -9.29 -17.48
C SER A 193 -11.45 -8.07 -18.39
N PHE A 194 -12.32 -7.10 -18.12
CA PHE A 194 -12.33 -5.84 -18.84
C PHE A 194 -11.04 -5.07 -18.59
N PRO A 195 -10.45 -4.47 -19.62
CA PRO A 195 -9.15 -3.83 -19.46
C PRO A 195 -9.17 -2.40 -18.99
N LEU A 196 -9.69 -2.13 -17.79
CA LEU A 196 -9.68 -0.77 -17.23
C LEU A 196 -8.25 -0.30 -16.98
N ASP A 197 -8.00 1.00 -17.07
CA ASP A 197 -6.65 1.52 -16.82
C ASP A 197 -6.68 3.04 -16.79
N TYR A 198 -6.52 3.63 -15.61
CA TYR A 198 -6.55 5.09 -15.49
C TYR A 198 -5.14 5.64 -15.30
N GLY A 199 -4.11 4.83 -15.54
CA GLY A 199 -2.74 5.31 -15.52
C GLY A 199 -1.95 4.87 -14.31
N ILE A 200 -2.57 4.19 -13.34
CA ILE A 200 -1.81 3.75 -12.17
C ILE A 200 -0.86 2.61 -12.53
N ARG A 201 0.37 2.64 -12.01
CA ARG A 201 1.39 1.72 -12.45
C ARG A 201 2.14 0.98 -11.36
N ARG A 202 2.35 1.53 -10.16
CA ARG A 202 3.08 0.74 -9.16
C ARG A 202 2.87 1.33 -7.77
N LEU A 203 3.18 0.55 -6.74
CA LEU A 203 3.10 1.06 -5.38
C LEU A 203 4.38 1.84 -5.06
N ASP A 204 4.23 3.09 -4.62
CA ASP A 204 5.37 3.92 -4.31
C ASP A 204 5.78 3.75 -2.84
N HIS A 205 4.80 3.81 -1.95
CA HIS A 205 5.06 3.63 -0.53
C HIS A 205 3.85 3.14 0.23
N ALA A 206 4.12 2.53 1.39
CA ALA A 206 3.06 2.02 2.26
C ALA A 206 3.32 2.51 3.68
N VAL A 207 2.34 3.20 4.26
CA VAL A 207 2.58 3.90 5.52
C VAL A 207 1.79 3.30 6.68
N GLY A 208 2.44 3.18 7.83
CA GLY A 208 1.76 2.62 9.01
C GLY A 208 1.54 3.69 10.07
N ASN A 209 0.44 3.59 10.79
CA ASN A 209 0.20 4.42 11.97
C ASN A 209 0.40 3.60 13.23
N VAL A 210 1.23 4.09 14.14
CA VAL A 210 1.52 3.39 15.39
C VAL A 210 1.43 4.37 16.57
N PRO A 211 1.30 3.83 17.77
CA PRO A 211 1.23 4.64 18.97
C PRO A 211 2.56 5.28 19.31
N GLU A 212 3.65 4.53 19.10
CA GLU A 212 4.99 4.98 19.45
C GLU A 212 5.98 4.72 18.32
N LEU A 213 6.48 5.79 17.71
CA LEU A 213 7.33 5.69 16.54
C LEU A 213 8.69 5.06 16.84
N GLY A 214 9.36 5.53 17.87
CA GLY A 214 10.69 5.08 18.24
C GLY A 214 10.83 3.56 18.17
N PRO A 215 10.05 2.85 18.99
CA PRO A 215 10.10 1.41 19.08
C PRO A 215 9.70 0.67 17.83
N ALA A 216 8.76 1.23 17.07
CA ALA A 216 8.35 0.63 15.80
C ALA A 216 9.48 0.72 14.77
N LEU A 217 10.17 1.86 14.72
CA LEU A 217 11.31 1.99 13.82
C LEU A 217 12.41 1.00 14.18
N THR A 218 12.78 1.00 15.46
CA THR A 218 13.81 0.11 15.99
C THR A 218 13.55 -1.34 15.61
N TYR A 219 12.31 -1.79 15.82
CA TYR A 219 11.88 -3.13 15.48
C TYR A 219 12.04 -3.45 14.00
N VAL A 220 11.46 -2.65 13.12
CA VAL A 220 11.44 -2.98 11.71
C VAL A 220 12.80 -2.81 11.05
N ALA A 221 13.51 -1.73 11.37
CA ALA A 221 14.87 -1.55 10.88
C ALA A 221 15.77 -2.63 11.46
N GLY A 222 15.50 -2.98 12.71
CA GLY A 222 16.13 -4.10 13.39
C GLY A 222 16.15 -5.37 12.55
N PHE A 223 15.01 -5.83 12.03
CA PHE A 223 14.97 -7.13 11.38
C PHE A 223 15.20 -7.09 9.88
N THR A 224 15.09 -5.93 9.24
CA THR A 224 15.26 -5.82 7.80
C THR A 224 16.62 -5.26 7.41
N GLY A 225 17.10 -4.31 8.21
CA GLY A 225 18.33 -3.58 7.86
C GLY A 225 17.99 -2.36 7.01
N PHE A 226 16.70 -2.09 6.82
CA PHE A 226 16.28 -0.91 6.09
C PHE A 226 16.80 0.34 6.82
N HIS A 227 17.23 1.32 6.04
CA HIS A 227 17.82 2.54 6.59
C HIS A 227 16.83 3.70 6.59
N GLN A 228 17.08 4.68 7.45
CA GLN A 228 16.19 5.85 7.51
C GLN A 228 16.43 6.76 6.30
N PHE A 229 15.41 6.84 5.46
CA PHE A 229 15.40 7.72 4.30
C PHE A 229 14.93 9.10 4.75
N ALA A 230 13.96 9.08 5.66
CA ALA A 230 13.50 10.33 6.25
C ALA A 230 12.67 10.28 7.51
N GLU A 231 12.46 11.48 8.01
CA GLU A 231 11.76 11.97 9.15
C GLU A 231 11.21 13.41 8.99
N PHE A 232 10.04 13.60 9.58
CA PHE A 232 9.36 14.84 9.85
C PHE A 232 9.11 15.00 11.36
N THR A 233 9.04 16.24 11.83
CA THR A 233 8.81 16.48 13.25
C THR A 233 7.89 17.68 13.46
N SER A 242 2.14 20.16 13.34
CA SER A 242 0.72 19.93 13.13
C SER A 242 0.41 18.44 13.01
N GLY A 243 0.46 17.75 14.15
CA GLY A 243 -0.10 16.45 14.31
C GLY A 243 0.72 15.21 14.51
N LEU A 244 1.86 15.06 13.85
CA LEU A 244 2.55 13.76 13.78
C LEU A 244 4.06 13.92 13.78
N ASN A 245 4.75 12.88 14.24
CA ASN A 245 6.16 12.71 13.94
C ASN A 245 6.24 11.49 13.00
N SER A 246 7.14 11.53 12.04
CA SER A 246 7.18 10.45 11.06
C SER A 246 8.61 10.15 10.67
N ALA A 247 8.81 8.97 10.10
CA ALA A 247 10.12 8.58 9.59
C ALA A 247 9.95 7.48 8.54
N VAL A 248 10.83 7.46 7.54
CA VAL A 248 10.75 6.51 6.46
C VAL A 248 11.93 5.53 6.48
N LEU A 249 11.58 4.26 6.33
CA LEU A 249 12.55 3.18 6.18
C LEU A 249 12.61 2.71 4.72
N ALA A 250 13.80 2.44 4.23
CA ALA A 250 13.95 2.07 2.83
C ALA A 250 14.96 0.95 2.60
N SER A 251 14.71 0.19 1.52
CA SER A 251 15.60 -0.88 1.09
C SER A 251 16.86 -0.30 0.44
N ASN A 252 17.78 -1.16 0.06
CA ASN A 252 19.08 -0.75 -0.48
C ASN A 252 18.97 0.20 -1.64
N ASP A 253 18.14 -0.16 -2.62
CA ASP A 253 17.95 0.70 -3.78
C ASP A 253 16.83 1.69 -3.61
N GLU A 254 16.26 1.79 -2.41
CA GLU A 254 15.25 2.75 -2.04
C GLU A 254 13.98 2.67 -2.87
N MET A 255 13.62 1.47 -3.33
CA MET A 255 12.42 1.23 -4.11
C MET A 255 11.32 0.61 -3.26
N VAL A 256 11.71 0.02 -2.12
CA VAL A 256 10.73 -0.34 -1.09
C VAL A 256 10.82 0.73 0.00
N LEU A 257 9.72 1.46 0.17
CA LEU A 257 9.64 2.60 1.06
C LEU A 257 8.50 2.43 2.06
N LEU A 258 8.84 2.44 3.35
CA LEU A 258 7.87 2.19 4.40
C LEU A 258 7.87 3.29 5.46
N PRO A 259 7.09 4.35 5.27
CA PRO A 259 6.97 5.39 6.28
C PRO A 259 6.13 4.95 7.45
N ILE A 260 6.44 5.49 8.63
CA ILE A 260 5.71 5.22 9.86
C ILE A 260 5.43 6.53 10.60
N ASN A 261 4.20 6.70 11.06
CA ASN A 261 3.78 7.86 11.80
C ASN A 261 3.39 7.51 13.25
N GLU A 262 3.59 8.47 14.14
CA GLU A 262 3.03 8.42 15.48
C GLU A 262 2.29 9.74 15.70
N PRO A 263 1.36 9.74 16.65
CA PRO A 263 0.64 10.96 16.99
C PRO A 263 1.47 11.87 17.88
N VAL A 264 1.16 13.15 17.87
CA VAL A 264 1.74 14.12 18.79
C VAL A 264 0.60 14.75 19.59
N HIS A 265 0.63 14.55 20.91
CA HIS A 265 -0.55 14.84 21.71
C HIS A 265 -0.48 16.23 22.35
N GLY A 266 -1.58 16.97 22.29
CA GLY A 266 -1.67 18.26 22.96
C GLY A 266 -1.12 19.38 22.08
N LYS A 270 -8.06 16.65 17.62
CA LYS A 270 -7.03 15.64 17.84
C LYS A 270 -6.01 15.59 16.69
N SER A 271 -4.85 15.02 17.02
CA SER A 271 -3.98 14.54 15.95
C SER A 271 -4.77 13.51 15.15
N GLN A 272 -4.65 13.61 13.83
CA GLN A 272 -5.27 12.70 12.87
C GLN A 272 -4.79 11.27 13.06
N ILE A 273 -3.54 11.13 13.48
CA ILE A 273 -2.98 9.82 13.76
C ILE A 273 -3.67 9.22 14.99
N GLN A 274 -3.95 10.05 15.98
CA GLN A 274 -4.68 9.59 17.16
C GLN A 274 -6.09 9.12 16.80
N THR A 275 -6.81 9.90 16.01
CA THR A 275 -8.14 9.49 15.56
C THR A 275 -8.08 8.16 14.80
N TYR A 276 -7.08 7.98 13.95
CA TYR A 276 -6.89 6.72 13.25
C TYR A 276 -6.86 5.56 14.24
N LEU A 277 -5.95 5.66 15.22
CA LEU A 277 -5.73 4.63 16.20
C LEU A 277 -7.02 4.25 16.93
N GLU A 278 -7.80 5.25 17.34
CA GLU A 278 -9.07 5.02 18.01
C GLU A 278 -10.07 4.29 17.12
N HIS A 279 -10.27 4.75 15.89
CA HIS A 279 -11.23 4.14 14.99
C HIS A 279 -10.81 2.77 14.47
N ASN A 280 -9.51 2.54 14.34
CA ASN A 280 -8.96 1.30 13.83
C ASN A 280 -8.74 0.25 14.91
N GLU A 281 -8.90 0.64 16.17
CA GLU A 281 -8.53 -0.25 17.27
C GLU A 281 -7.04 -0.56 17.20
N GLY A 282 -6.23 0.49 17.17
CA GLY A 282 -4.79 0.36 17.23
C GLY A 282 -4.08 0.57 15.90
N ALA A 283 -2.78 0.28 15.93
CA ALA A 283 -1.89 0.46 14.80
C ALA A 283 -2.33 -0.33 13.58
N GLY A 284 -1.89 0.15 12.41
CA GLY A 284 -2.22 -0.50 11.16
C GLY A 284 -1.74 0.37 9.99
N LEU A 285 -2.07 -0.07 8.77
CA LEU A 285 -1.67 0.68 7.59
C LEU A 285 -2.56 1.90 7.37
N GLN A 286 -1.94 3.06 7.21
CA GLN A 286 -2.63 4.33 7.08
C GLN A 286 -2.98 4.63 5.62
N HIS A 287 -1.95 4.62 4.76
CA HIS A 287 -2.20 4.97 3.37
C HIS A 287 -1.28 4.23 2.40
N LEU A 288 -1.81 3.98 1.21
CA LEU A 288 -1.03 3.39 0.12
C LEU A 288 -0.82 4.45 -0.95
N ALA A 289 0.42 4.71 -1.33
CA ALA A 289 0.69 5.70 -2.36
C ALA A 289 0.93 5.02 -3.71
N LEU A 290 0.08 5.31 -4.67
CA LEU A 290 0.12 4.65 -5.98
C LEU A 290 0.70 5.58 -7.03
N MET A 291 1.79 5.17 -7.67
CA MET A 291 2.43 6.00 -8.69
C MET A 291 1.63 5.94 -9.99
N SER A 292 1.42 7.11 -10.59
CA SER A 292 0.71 7.15 -11.87
C SER A 292 1.68 7.60 -12.96
N GLU A 293 1.55 7.07 -14.17
CA GLU A 293 2.42 7.53 -15.25
C GLU A 293 1.86 8.83 -15.85
N ASP A 294 0.67 9.20 -15.43
CA ASP A 294 0.03 10.44 -15.81
C ASP A 294 -0.98 10.84 -14.74
N ILE A 295 -0.55 11.61 -13.75
CA ILE A 295 -1.43 11.92 -12.63
C ILE A 295 -2.62 12.78 -13.05
N PHE A 296 -2.47 13.59 -14.10
CA PHE A 296 -3.60 14.34 -14.61
C PHE A 296 -4.69 13.42 -15.15
N ARG A 297 -4.30 12.45 -15.96
CA ARG A 297 -5.27 11.50 -16.50
C ARG A 297 -5.88 10.63 -15.40
N THR A 298 -5.06 10.17 -14.46
CA THR A 298 -5.56 9.36 -13.36
C THR A 298 -6.65 10.10 -12.60
N LEU A 299 -6.36 11.35 -12.22
CA LEU A 299 -7.31 12.14 -11.46
C LEU A 299 -8.54 12.52 -12.27
N ARG A 300 -8.43 12.74 -13.58
CA ARG A 300 -9.63 12.99 -14.38
C ARG A 300 -10.56 11.78 -14.33
N GLU A 301 -9.97 10.61 -14.54
CA GLU A 301 -10.70 9.36 -14.55
C GLU A 301 -11.27 8.99 -13.19
N MET A 302 -10.50 9.18 -12.12
CA MET A 302 -11.01 8.84 -10.79
C MET A 302 -12.14 9.78 -10.38
N ARG A 303 -11.92 11.08 -10.60
CA ARG A 303 -12.89 12.09 -10.24
C ARG A 303 -14.20 11.96 -11.01
N LYS A 304 -14.18 11.47 -12.25
CA LYS A 304 -15.38 11.20 -13.01
C LYS A 304 -16.29 10.17 -12.32
N ARG A 305 -15.65 9.23 -11.63
CA ARG A 305 -16.33 8.08 -11.06
C ARG A 305 -16.56 8.16 -9.56
N SER A 306 -16.09 9.20 -8.87
CA SER A 306 -16.25 9.32 -7.44
C SER A 306 -17.67 9.07 -6.94
N SER A 307 -18.63 9.75 -7.56
CA SER A 307 -20.01 9.68 -7.13
C SER A 307 -20.79 8.56 -7.81
N ILE A 308 -20.15 7.77 -8.66
CA ILE A 308 -20.84 6.68 -9.34
C ILE A 308 -20.14 5.33 -9.10
N GLY A 309 -19.73 5.11 -7.84
CA GLY A 309 -19.19 3.83 -7.41
C GLY A 309 -17.72 3.91 -7.02
N GLY A 310 -17.07 5.02 -7.33
CA GLY A 310 -15.64 5.18 -7.17
C GLY A 310 -15.21 5.78 -5.84
N PHE A 311 -14.11 6.53 -5.85
CA PHE A 311 -13.52 7.09 -4.65
C PHE A 311 -13.66 8.60 -4.57
N ASP A 312 -14.07 9.11 -3.41
CA ASP A 312 -14.10 10.54 -3.16
C ASP A 312 -12.70 11.05 -2.78
N PHE A 313 -12.48 12.33 -3.01
CA PHE A 313 -11.20 12.97 -2.72
C PHE A 313 -11.32 13.99 -1.60
N MET A 314 -10.25 14.18 -0.82
CA MET A 314 -10.23 15.22 0.21
C MET A 314 -10.49 16.57 -0.44
N PRO A 315 -11.01 17.52 0.33
CA PRO A 315 -11.29 18.87 -0.12
C PRO A 315 -10.08 19.54 -0.77
N SER A 316 -10.27 20.28 -1.85
CA SER A 316 -9.16 20.88 -2.56
C SER A 316 -8.58 22.09 -1.83
N PRO A 317 -7.30 22.35 -2.06
CA PRO A 317 -6.66 23.58 -1.62
C PRO A 317 -7.36 24.76 -2.25
N PRO A 318 -7.31 25.92 -1.61
CA PRO A 318 -7.86 27.14 -2.18
C PRO A 318 -7.06 27.55 -3.40
N PRO A 319 -7.45 28.67 -4.03
CA PRO A 319 -6.84 29.17 -5.24
C PRO A 319 -5.48 29.79 -4.98
N THR A 320 -5.40 30.39 -3.79
CA THR A 320 -4.20 30.98 -3.21
C THR A 320 -3.06 29.99 -3.11
N TYR A 321 -3.36 28.71 -2.94
CA TYR A 321 -2.33 27.68 -3.03
C TYR A 321 -1.78 27.58 -4.45
N TYR A 322 -2.67 27.61 -5.44
CA TYR A 322 -2.21 27.53 -6.82
C TYR A 322 -1.47 28.76 -7.27
N GLN A 323 -1.93 29.98 -6.93
CA GLN A 323 -1.15 31.17 -7.28
C GLN A 323 0.24 31.08 -6.66
N ASN A 324 0.35 30.60 -5.43
CA ASN A 324 1.63 30.41 -4.79
C ASN A 324 2.49 29.33 -5.45
N LEU A 325 1.95 28.42 -6.25
CA LEU A 325 2.76 27.43 -6.92
C LEU A 325 3.54 27.96 -8.11
N LYS A 326 3.00 28.94 -8.83
CA LYS A 326 3.82 29.65 -9.82
C LYS A 326 5.22 29.83 -9.23
N LYS A 327 5.31 30.44 -8.06
CA LYS A 327 6.51 30.67 -7.31
C LYS A 327 7.42 29.52 -6.96
N ARG A 328 6.95 28.40 -6.42
CA ARG A 328 7.82 27.38 -5.84
C ARG A 328 8.33 26.37 -6.85
N VAL A 329 7.62 26.20 -7.95
CA VAL A 329 7.86 25.10 -8.88
C VAL A 329 7.85 25.57 -10.33
N GLY A 330 7.94 26.87 -10.54
CA GLY A 330 8.07 27.50 -11.83
C GLY A 330 9.05 26.89 -12.79
N ASP A 331 10.17 26.30 -12.40
CA ASP A 331 11.00 25.63 -13.41
C ASP A 331 10.44 24.26 -13.79
N VAL A 332 9.57 23.68 -12.98
CA VAL A 332 9.09 22.33 -13.23
C VAL A 332 7.85 22.28 -14.11
N LEU A 333 6.87 23.09 -13.74
CA LEU A 333 5.55 23.02 -14.37
C LEU A 333 5.18 24.37 -14.96
N SER A 334 4.65 24.36 -16.19
CA SER A 334 4.23 25.61 -16.81
C SER A 334 3.01 26.16 -16.08
N ASP A 335 2.55 27.34 -16.50
CA ASP A 335 1.36 27.93 -15.93
C ASP A 335 0.11 27.12 -16.26
N ASP A 336 0.02 26.54 -17.45
CA ASP A 336 -1.11 25.70 -17.83
C ASP A 336 -1.11 24.36 -17.11
N GLN A 337 0.08 23.85 -16.85
CA GLN A 337 0.25 22.61 -16.10
C GLN A 337 -0.15 22.80 -14.65
N ILE A 338 0.12 23.99 -14.12
CA ILE A 338 -0.33 24.38 -12.79
C ILE A 338 -1.84 24.58 -12.74
N LYS A 339 -2.42 25.14 -13.79
CA LYS A 339 -3.87 25.29 -13.84
C LYS A 339 -4.56 23.93 -13.87
N GLU A 340 -3.98 22.97 -14.59
CA GLU A 340 -4.45 21.59 -14.60
C GLU A 340 -4.40 20.97 -13.21
N CYS A 341 -3.37 21.28 -12.43
CA CYS A 341 -3.29 20.86 -11.03
C CYS A 341 -4.47 21.43 -10.23
N GLU A 342 -4.76 22.71 -10.45
CA GLU A 342 -5.85 23.40 -9.76
C GLU A 342 -7.21 22.83 -10.12
N GLU A 343 -7.41 22.42 -11.37
CA GLU A 343 -8.63 21.78 -11.79
C GLU A 343 -8.85 20.43 -11.12
N LEU A 344 -7.76 19.73 -10.81
CA LEU A 344 -7.87 18.40 -10.23
C LEU A 344 -7.60 18.38 -8.73
N GLY A 345 -7.20 19.51 -8.15
CA GLY A 345 -6.95 19.57 -6.71
C GLY A 345 -5.62 18.91 -6.34
N ILE A 346 -4.70 18.83 -7.30
CA ILE A 346 -3.41 18.21 -7.03
C ILE A 346 -2.51 19.14 -6.22
N LEU A 347 -1.77 18.52 -5.30
CA LEU A 347 -0.76 19.27 -4.56
C LEU A 347 0.62 18.97 -5.13
N VAL A 348 1.50 19.96 -5.02
CA VAL A 348 2.85 19.87 -5.56
C VAL A 348 3.83 20.25 -4.46
N ASP A 349 4.87 19.45 -4.31
CA ASP A 349 5.93 19.77 -3.34
C ASP A 349 7.27 19.53 -4.00
N ARG A 350 8.32 20.13 -3.43
CA ARG A 350 9.59 20.11 -4.18
C ARG A 350 10.72 20.14 -3.17
N ASP A 351 11.66 19.19 -3.24
CA ASP A 351 12.82 19.33 -2.35
C ASP A 351 14.05 19.72 -3.17
N ASP A 352 15.20 19.44 -2.59
CA ASP A 352 16.51 19.57 -3.16
C ASP A 352 16.64 18.95 -4.56
N GLN A 353 16.06 17.77 -4.75
CA GLN A 353 16.43 16.96 -5.90
C GLN A 353 15.30 16.74 -6.90
N GLY A 354 14.04 16.87 -6.47
CA GLY A 354 12.94 16.52 -7.35
C GLY A 354 11.64 17.19 -6.93
N THR A 355 10.59 16.83 -7.65
CA THR A 355 9.28 17.44 -7.47
C THR A 355 8.20 16.38 -7.30
N LEU A 356 7.24 16.64 -6.42
CA LEU A 356 6.20 15.64 -6.14
C LEU A 356 4.81 16.18 -6.45
N LEU A 357 4.06 15.44 -7.25
CA LEU A 357 2.63 15.73 -7.43
C LEU A 357 1.83 14.72 -6.60
N GLN A 358 0.88 15.19 -5.79
CA GLN A 358 0.16 14.23 -4.95
C GLN A 358 -1.25 14.72 -4.62
N ILE A 359 -2.08 13.75 -4.27
CA ILE A 359 -3.44 14.04 -3.84
C ILE A 359 -3.97 12.85 -3.04
N PHE A 360 -4.87 13.13 -2.10
CA PHE A 360 -5.35 12.10 -1.20
C PHE A 360 -6.83 11.81 -1.35
N THR A 361 -7.17 10.53 -1.34
CA THR A 361 -8.59 10.17 -1.31
C THR A 361 -9.10 10.31 0.11
N LYS A 362 -10.44 10.36 0.21
CA LYS A 362 -11.07 10.15 1.52
C LYS A 362 -10.90 8.67 1.87
N PRO A 363 -11.22 8.34 3.11
CA PRO A 363 -11.14 6.96 3.59
C PRO A 363 -11.78 5.99 2.62
N LEU A 364 -11.20 4.80 2.47
CA LEU A 364 -11.65 3.81 1.50
C LEU A 364 -12.91 3.05 1.92
N GLY A 365 -13.20 3.01 3.21
CA GLY A 365 -14.36 2.25 3.68
C GLY A 365 -15.10 3.04 4.75
N ASP A 366 -15.84 2.32 5.60
CA ASP A 366 -16.65 2.93 6.64
C ASP A 366 -15.86 3.76 7.65
N ARG A 367 -14.71 3.29 8.10
CA ARG A 367 -14.01 3.98 9.19
C ARG A 367 -13.05 5.02 8.65
N PRO A 368 -12.78 6.07 9.44
CA PRO A 368 -11.82 7.09 9.09
C PRO A 368 -10.39 6.60 9.33
N THR A 369 -9.97 5.60 8.56
CA THR A 369 -8.71 4.92 8.77
C THR A 369 -7.89 4.97 7.48
N ILE A 370 -7.92 3.89 6.70
CA ILE A 370 -7.06 3.79 5.54
C ILE A 370 -7.56 4.66 4.39
N PHE A 371 -6.59 5.27 3.71
CA PHE A 371 -6.88 6.06 2.52
C PHE A 371 -5.81 5.81 1.46
N ILE A 372 -6.04 6.33 0.27
CA ILE A 372 -5.10 6.14 -0.83
C ILE A 372 -4.49 7.48 -1.22
N GLU A 373 -3.24 7.44 -1.66
CA GLU A 373 -2.56 8.59 -2.22
C GLU A 373 -2.21 8.31 -3.68
N ILE A 374 -2.46 9.28 -4.54
CA ILE A 374 -2.02 9.17 -5.93
C ILE A 374 -0.83 10.09 -6.13
N ILE A 375 0.24 9.61 -6.74
CA ILE A 375 1.45 10.41 -6.86
C ILE A 375 2.14 10.25 -8.21
N GLN A 376 2.94 11.24 -8.56
CA GLN A 376 3.86 11.16 -9.69
C GLN A 376 5.11 11.97 -9.39
N ARG A 377 6.27 11.47 -9.77
CA ARG A 377 7.53 12.13 -9.41
C ARG A 377 8.27 12.69 -10.61
N VAL A 378 8.80 13.90 -10.50
CA VAL A 378 9.62 14.46 -11.55
C VAL A 378 11.05 14.72 -11.05
N GLY A 379 12.01 14.09 -11.71
CA GLY A 379 13.41 14.36 -11.44
C GLY A 379 14.20 13.10 -11.16
N CYS A 380 15.35 13.29 -10.50
CA CYS A 380 16.23 12.23 -10.08
C CYS A 380 16.42 11.16 -11.14
N MET A 381 16.64 11.55 -12.39
CA MET A 381 16.80 10.61 -13.47
C MET A 381 18.24 10.13 -13.58
N MET A 382 18.34 8.85 -13.93
CA MET A 382 19.56 8.14 -14.21
C MET A 382 19.31 7.22 -15.43
N TYR A 390 16.18 4.86 -15.28
CA TYR A 390 15.51 4.57 -14.01
C TYR A 390 15.40 5.87 -13.22
N GLN A 391 14.35 6.01 -12.43
CA GLN A 391 14.19 7.19 -11.56
C GLN A 391 14.52 6.81 -10.12
N SER A 392 15.26 7.64 -9.41
CA SER A 392 15.63 7.35 -8.03
C SER A 392 14.39 7.15 -7.15
N GLY A 393 14.32 6.05 -6.41
CA GLY A 393 13.23 5.88 -5.45
C GLY A 393 13.10 7.13 -4.58
N GLY A 394 11.85 7.55 -4.35
CA GLY A 394 11.51 8.61 -3.44
C GLY A 394 11.90 10.02 -3.87
N CYS A 395 12.07 10.27 -5.14
CA CYS A 395 12.45 11.58 -5.66
C CYS A 395 11.46 12.67 -5.31
N GLY A 396 11.84 13.69 -4.54
CA GLY A 396 10.91 14.77 -4.24
C GLY A 396 10.33 14.67 -2.84
N GLY A 397 10.59 13.55 -2.17
CA GLY A 397 10.17 13.40 -0.78
C GLY A 397 8.72 12.91 -0.75
N PHE A 398 8.03 13.28 0.34
CA PHE A 398 6.74 12.67 0.65
C PHE A 398 5.66 13.71 0.88
N GLY A 399 6.00 14.98 0.64
CA GLY A 399 5.02 16.06 0.67
C GLY A 399 4.98 16.80 1.98
N LYS A 400 5.98 16.63 2.84
CA LYS A 400 5.99 17.27 4.15
C LYS A 400 6.06 18.79 4.08
N GLY A 401 6.37 19.35 2.92
CA GLY A 401 6.29 20.78 2.68
C GLY A 401 4.86 21.23 2.43
N ASN A 402 4.00 20.30 2.00
CA ASN A 402 2.60 20.62 1.77
C ASN A 402 1.84 20.86 3.08
N PHE A 403 2.42 20.47 4.21
CA PHE A 403 1.88 20.87 5.51
C PHE A 403 1.83 22.38 5.62
N SER A 404 2.91 23.08 5.94
CA SER A 404 2.89 24.53 6.06
C SER A 404 2.25 25.22 4.86
N GLU A 405 2.50 24.77 3.63
CA GLU A 405 2.01 25.45 2.45
C GLU A 405 0.49 25.38 2.29
N LEU A 406 -0.14 24.27 2.67
CA LEU A 406 -1.61 24.28 2.63
C LEU A 406 -2.13 25.30 3.63
N PHE A 407 -1.68 25.31 4.87
CA PHE A 407 -2.24 26.21 5.87
C PHE A 407 -1.79 27.64 5.71
N LYS A 408 -0.84 27.92 4.83
CA LYS A 408 -0.47 29.27 4.46
C LYS A 408 -1.46 29.85 3.43
N SER A 409 -1.92 28.95 2.56
CA SER A 409 -2.88 29.34 1.53
C SER A 409 -4.25 29.58 2.18
N ILE A 410 -4.56 28.78 3.20
CA ILE A 410 -5.75 29.03 4.02
C ILE A 410 -5.34 29.81 5.29
FE FE B . 2.47 9.19 1.35
#